data_2POY
#
_entry.id   2POY
#
_cell.length_a   36.482
_cell.length_b   119.303
_cell.length_c   127.877
_cell.angle_alpha   90.00
_cell.angle_beta   90.00
_cell.angle_gamma   90.00
#
_symmetry.space_group_name_H-M   'P 21 21 21'
#
loop_
_entity.id
_entity.type
_entity.pdbx_description
1 polymer 'PEPTIDYL-PROLYL CIS-TRANS ISOMERASE'
2 polymer 'CYCLOSPORIN A'
3 water water
#
loop_
_entity_poly.entity_id
_entity_poly.type
_entity_poly.pdbx_seq_one_letter_code
_entity_poly.pdbx_strand_id
1 'polypeptide(L)'
;MHHHHHHSSGRENLYFQGNPVVYFDISIGQTPAGRITMELFADKVPITAENFRALCTGEKGMGQSGKPLCYTGSFFHRII
PQFMIQGGDFTRGDGTGGESIYGSKFRDENFVYTHDAPFLLSMANAGPNTNGSQFFITTVPCPWLDGKHVVFGKVLEGME
VVKSIEKCGSQNGKPTKSVCITASGV
;
A,B,C
2 'polypeptide(L)' (DAL)(MLE)(MLE)(MVA)(BMT)(ABA)(SAR)(MLE)V(MLE)A T,U,V
#
# COMPACT_ATOMS: atom_id res chain seq x y z
N GLY A 18 -17.51 -0.95 -18.82
CA GLY A 18 -17.89 0.47 -19.16
C GLY A 18 -18.22 1.27 -17.91
N ASN A 19 -19.07 0.67 -17.07
CA ASN A 19 -19.53 1.27 -15.83
C ASN A 19 -18.42 1.43 -14.79
N PRO A 20 -18.30 2.62 -14.18
CA PRO A 20 -17.21 2.73 -13.20
C PRO A 20 -17.43 1.77 -12.03
N VAL A 21 -16.34 1.36 -11.40
CA VAL A 21 -16.35 0.51 -10.21
C VAL A 21 -15.59 1.29 -9.17
N VAL A 22 -16.24 1.48 -8.02
CA VAL A 22 -15.64 2.26 -6.94
C VAL A 22 -15.62 1.39 -5.65
N TYR A 23 -14.93 1.84 -4.60
CA TYR A 23 -14.89 1.10 -3.36
C TYR A 23 -14.95 2.03 -2.15
N PHE A 24 -15.44 1.47 -1.02
CA PHE A 24 -15.25 2.00 0.33
C PHE A 24 -14.47 0.93 1.12
N ASP A 25 -13.44 1.36 1.82
CA ASP A 25 -12.86 0.59 2.94
C ASP A 25 -13.57 1.01 4.19
N ILE A 26 -13.98 0.02 4.98
CA ILE A 26 -14.86 0.24 6.12
C ILE A 26 -14.17 -0.19 7.41
N SER A 27 -14.21 0.69 8.41
CA SER A 27 -13.94 0.27 9.79
C SER A 27 -15.20 0.32 10.62
N ILE A 28 -15.37 -0.68 11.48
CA ILE A 28 -16.41 -0.70 12.48
C ILE A 28 -15.74 -0.57 13.84
N GLY A 29 -16.02 0.55 14.52
CA GLY A 29 -15.24 0.94 15.68
C GLY A 29 -13.86 1.25 15.16
N GLN A 30 -12.85 0.81 15.88
CA GLN A 30 -11.49 1.02 15.36
C GLN A 30 -10.99 -0.15 14.50
N THR A 31 -11.88 -1.05 14.12
CA THR A 31 -11.48 -2.31 13.50
C THR A 31 -11.82 -2.37 11.99
N PRO A 32 -10.79 -2.44 11.10
CA PRO A 32 -11.04 -2.60 9.66
C PRO A 32 -11.91 -3.80 9.44
N ALA A 33 -12.99 -3.60 8.71
CA ALA A 33 -13.96 -4.62 8.40
C ALA A 33 -13.75 -5.23 7.03
N GLY A 34 -13.15 -4.47 6.11
CA GLY A 34 -13.02 -4.91 4.75
C GLY A 34 -13.48 -3.85 3.78
N ARG A 35 -13.82 -4.29 2.58
CA ARG A 35 -14.08 -3.36 1.49
C ARG A 35 -15.41 -3.66 0.82
N ILE A 36 -16.17 -2.60 0.50
CA ILE A 36 -17.37 -2.72 -0.34
C ILE A 36 -17.00 -2.20 -1.70
N THR A 37 -17.21 -3.04 -2.72
CA THR A 37 -16.86 -2.70 -4.07
C THR A 37 -18.17 -2.55 -4.82
N MET A 38 -18.32 -1.48 -5.58
CA MET A 38 -19.61 -1.09 -6.16
C MET A 38 -19.54 -0.76 -7.64
N GLU A 39 -20.50 -1.27 -8.41
CA GLU A 39 -20.67 -0.86 -9.80
C GLU A 39 -21.60 0.34 -9.86
N LEU A 40 -21.26 1.36 -10.65
CA LEU A 40 -22.18 2.48 -10.81
C LEU A 40 -22.76 2.43 -12.21
N PHE A 41 -24.06 2.64 -12.30
CA PHE A 41 -24.76 2.42 -13.58
C PHE A 41 -24.67 3.68 -14.43
N ALA A 42 -23.46 4.09 -14.76
CA ALA A 42 -23.25 5.30 -15.56
C ALA A 42 -23.86 5.23 -16.96
N ASP A 43 -23.98 4.03 -17.49
CA ASP A 43 -24.67 3.88 -18.79
C ASP A 43 -26.13 4.42 -18.80
N LYS A 44 -26.89 4.23 -17.71
CA LYS A 44 -28.32 4.66 -17.63
C LYS A 44 -28.54 5.88 -16.76
N VAL A 45 -27.61 6.10 -15.82
CA VAL A 45 -27.74 7.18 -14.83
C VAL A 45 -26.40 7.96 -14.70
N PRO A 46 -25.97 8.55 -15.82
CA PRO A 46 -24.62 9.07 -15.87
C PRO A 46 -24.36 10.23 -14.91
N ILE A 47 -25.31 11.16 -14.73
CA ILE A 47 -25.09 12.34 -13.82
C ILE A 47 -24.97 11.87 -12.36
N THR A 48 -25.83 10.95 -11.98
CA THR A 48 -25.87 10.43 -10.59
C THR A 48 -24.65 9.54 -10.31
N ALA A 49 -24.30 8.70 -11.28
CA ALA A 49 -23.13 7.86 -11.12
C ALA A 49 -21.85 8.74 -11.03
N GLU A 50 -21.76 9.78 -11.87
CA GLU A 50 -20.54 10.59 -11.87
C GLU A 50 -20.33 11.32 -10.54
N ASN A 51 -21.42 11.80 -9.96
CA ASN A 51 -21.38 12.48 -8.65
C ASN A 51 -20.78 11.54 -7.60
N PHE A 52 -21.24 10.28 -7.64
CA PHE A 52 -20.86 9.32 -6.64
C PHE A 52 -19.43 8.92 -6.91
N ARG A 53 -19.10 8.64 -8.17
CA ARG A 53 -17.72 8.30 -8.52
C ARG A 53 -16.72 9.40 -8.04
N ALA A 54 -17.00 10.66 -8.37
CA ALA A 54 -16.13 11.79 -8.00
C ALA A 54 -16.03 12.02 -6.49
N LEU A 55 -17.12 11.68 -5.78
CA LEU A 55 -17.09 11.80 -4.30
C LEU A 55 -16.29 10.65 -3.65
N CYS A 56 -16.21 9.53 -4.34
CA CYS A 56 -15.32 8.43 -3.90
C CYS A 56 -13.83 8.81 -4.08
N THR A 57 -13.49 9.39 -5.23
CA THR A 57 -12.08 9.69 -5.48
C THR A 57 -11.67 10.94 -4.73
N GLY A 58 -12.62 11.87 -4.55
CA GLY A 58 -12.30 13.19 -3.95
C GLY A 58 -11.67 14.13 -4.98
N GLU A 59 -11.71 13.76 -6.25
CA GLU A 59 -10.95 14.53 -7.30
C GLU A 59 -11.41 15.98 -7.55
N LYS A 60 -12.62 16.34 -7.12
CA LYS A 60 -13.15 17.71 -7.33
C LYS A 60 -12.63 18.68 -6.29
N GLY A 61 -11.91 18.13 -5.31
CA GLY A 61 -11.25 18.90 -4.27
C GLY A 61 -12.21 19.55 -3.28
N MET A 62 -11.94 20.78 -2.91
CA MET A 62 -12.72 21.46 -1.89
C MET A 62 -14.07 21.90 -2.40
N GLY A 63 -15.09 21.75 -1.56
CA GLY A 63 -16.44 22.13 -1.88
C GLY A 63 -16.91 23.46 -1.32
N GLN A 64 -18.15 23.80 -1.63
CA GLN A 64 -18.83 25.00 -1.17
C GLN A 64 -19.09 25.05 0.31
N SER A 65 -19.05 23.89 0.96
CA SER A 65 -19.23 23.80 2.40
C SER A 65 -17.93 24.03 3.15
N GLY A 66 -16.83 24.20 2.42
CA GLY A 66 -15.50 24.38 2.98
C GLY A 66 -14.82 23.09 3.40
N LYS A 67 -15.35 21.96 2.91
CA LYS A 67 -14.78 20.64 3.23
C LYS A 67 -14.51 19.87 1.92
N PRO A 68 -13.60 18.88 1.93
CA PRO A 68 -13.30 18.10 0.73
C PRO A 68 -14.58 17.42 0.23
N LEU A 69 -14.77 17.42 -1.09
CA LEU A 69 -15.87 16.73 -1.75
C LEU A 69 -15.46 15.25 -1.83
N CYS A 70 -15.60 14.53 -0.71
CA CYS A 70 -15.05 13.17 -0.65
C CYS A 70 -15.71 12.42 0.49
N TYR A 71 -15.98 11.14 0.24
CA TYR A 71 -16.60 10.27 1.24
C TYR A 71 -15.62 9.83 2.31
N THR A 72 -14.32 9.90 2.00
CA THR A 72 -13.29 9.39 2.92
C THR A 72 -13.41 10.13 4.25
N GLY A 73 -13.46 9.37 5.34
CA GLY A 73 -13.59 9.92 6.66
C GLY A 73 -15.01 10.08 7.14
N SER A 74 -16.00 9.89 6.26
CA SER A 74 -17.39 10.04 6.64
C SER A 74 -17.93 8.70 7.14
N PHE A 75 -19.11 8.72 7.73
CA PHE A 75 -19.65 7.53 8.45
C PHE A 75 -21.00 7.11 7.86
N PHE A 76 -21.36 5.85 8.10
CA PHE A 76 -22.74 5.45 7.91
C PHE A 76 -23.50 5.92 9.15
N HIS A 77 -24.17 7.06 9.04
CA HIS A 77 -24.74 7.72 10.25
C HIS A 77 -26.11 7.20 10.64
N ARG A 78 -26.76 6.48 9.75
CA ARG A 78 -28.11 6.00 10.02
C ARG A 78 -28.23 4.63 9.46
N ILE A 79 -28.47 3.67 10.35
CA ILE A 79 -28.41 2.26 9.97
C ILE A 79 -29.65 1.59 10.55
N ILE A 80 -30.45 0.97 9.68
CA ILE A 80 -31.67 0.29 10.14
C ILE A 80 -31.65 -1.17 9.69
N PRO A 81 -31.56 -2.10 10.66
CA PRO A 81 -31.57 -3.51 10.25
C PRO A 81 -32.82 -3.91 9.51
N GLN A 82 -32.65 -4.82 8.54
CA GLN A 82 -33.69 -5.25 7.58
C GLN A 82 -34.30 -4.11 6.82
N PHE A 83 -33.49 -3.07 6.59
CA PHE A 83 -33.94 -2.01 5.73
C PHE A 83 -32.75 -1.55 4.84
N MET A 84 -31.83 -0.82 5.44
CA MET A 84 -30.75 -0.24 4.63
C MET A 84 -29.70 0.39 5.53
N ILE A 85 -28.58 0.75 4.91
CA ILE A 85 -27.53 1.50 5.58
C ILE A 85 -27.34 2.84 4.85
N GLN A 86 -27.23 3.95 5.58
CA GLN A 86 -27.21 5.26 4.96
C GLN A 86 -25.95 6.04 5.36
N GLY A 87 -25.30 6.66 4.37
CA GLY A 87 -24.09 7.45 4.61
C GLY A 87 -24.03 8.64 3.68
N GLY A 88 -22.85 9.23 3.61
CA GLY A 88 -22.56 10.21 2.59
C GLY A 88 -22.72 11.64 3.09
N ASP A 89 -23.03 11.81 4.38
CA ASP A 89 -23.08 13.16 4.93
C ASP A 89 -21.69 13.57 5.46
N PHE A 90 -20.84 14.03 4.55
CA PHE A 90 -19.46 14.34 4.92
C PHE A 90 -19.31 15.78 5.38
N THR A 91 -20.42 16.51 5.45
CA THR A 91 -20.34 17.93 5.90
C THR A 91 -20.86 18.11 7.32
N ARG A 92 -21.90 17.35 7.70
CA ARG A 92 -22.50 17.44 9.07
C ARG A 92 -22.50 16.12 9.85
N GLY A 93 -22.40 15.00 9.13
CA GLY A 93 -22.29 13.69 9.75
C GLY A 93 -23.53 13.17 10.47
N ASP A 94 -24.69 13.78 10.21
CA ASP A 94 -25.91 13.40 10.94
C ASP A 94 -27.18 13.31 10.09
N GLY A 95 -27.04 13.53 8.80
CA GLY A 95 -28.17 13.50 7.85
C GLY A 95 -28.61 14.88 7.42
N THR A 96 -28.19 15.91 8.15
CA THR A 96 -28.57 17.29 7.79
C THR A 96 -27.66 17.94 6.72
N GLY A 97 -26.58 17.28 6.31
CA GLY A 97 -25.67 17.92 5.36
C GLY A 97 -25.42 17.10 4.11
N GLY A 98 -24.22 17.23 3.58
CA GLY A 98 -23.86 16.60 2.34
C GLY A 98 -23.99 17.63 1.25
N GLU A 99 -23.29 17.36 0.17
CA GLU A 99 -23.36 18.20 -1.01
C GLU A 99 -22.81 17.45 -2.20
N SER A 100 -23.44 17.68 -3.35
CA SER A 100 -23.00 17.05 -4.59
C SER A 100 -21.80 17.81 -5.16
N ILE A 101 -21.14 17.21 -6.14
CA ILE A 101 -20.03 17.88 -6.84
C ILE A 101 -20.56 19.07 -7.63
N TYR A 102 -21.90 19.12 -7.82
CA TYR A 102 -22.60 20.08 -8.69
C TYR A 102 -23.05 21.34 -7.94
N GLY A 103 -22.96 21.30 -6.60
CA GLY A 103 -23.41 22.40 -5.73
C GLY A 103 -24.81 22.31 -5.18
N LYS A 105 -27.59 20.86 -4.70
CA LYS A 105 -28.49 19.72 -4.97
C LYS A 105 -28.68 19.54 -6.48
N PHE A 106 -29.03 18.33 -6.91
CA PHE A 106 -29.35 18.12 -8.31
C PHE A 106 -30.62 17.32 -8.49
N ARG A 107 -31.18 17.41 -9.68
CA ARG A 107 -32.48 16.83 -9.97
C ARG A 107 -32.39 15.32 -9.98
N ASP A 108 -33.53 14.69 -9.70
CA ASP A 108 -33.67 13.25 -9.89
C ASP A 108 -33.49 12.98 -11.36
N GLU A 109 -32.43 12.27 -11.71
CA GLU A 109 -32.06 12.07 -13.12
C GLU A 109 -33.08 11.22 -13.88
N ASN A 110 -33.35 10.04 -13.34
CA ASN A 110 -34.41 9.15 -13.82
C ASN A 110 -34.71 8.10 -12.74
N PHE A 111 -35.78 7.35 -12.94
CA PHE A 111 -36.12 6.25 -12.06
C PHE A 111 -36.16 4.97 -12.84
N VAL A 112 -35.15 4.77 -13.69
CA VAL A 112 -35.05 3.57 -14.54
C VAL A 112 -34.93 2.33 -13.66
N TYR A 113 -34.06 2.38 -12.64
CA TYR A 113 -33.86 1.23 -11.78
C TYR A 113 -34.74 1.31 -10.54
N THR A 114 -35.14 0.14 -10.08
CA THR A 114 -36.07 0.05 -8.97
C THR A 114 -35.34 -0.60 -7.78
N HIS A 115 -35.94 -0.52 -6.59
CA HIS A 115 -35.26 -1.02 -5.38
C HIS A 115 -35.77 -2.44 -5.19
N ASP A 116 -35.43 -3.33 -6.12
CA ASP A 116 -36.05 -4.66 -6.15
C ASP A 116 -35.17 -5.77 -5.54
N ALA A 117 -34.07 -5.37 -4.90
CA ALA A 117 -33.08 -6.33 -4.44
C ALA A 117 -32.24 -5.70 -3.35
N PRO A 118 -31.69 -6.52 -2.45
CA PRO A 118 -30.74 -5.96 -1.56
C PRO A 118 -29.43 -5.57 -2.31
N PHE A 119 -28.61 -4.77 -1.64
CA PHE A 119 -27.29 -4.35 -2.13
C PHE A 119 -27.32 -3.43 -3.31
N LEU A 120 -28.40 -2.67 -3.43
CA LEU A 120 -28.46 -1.60 -4.46
C LEU A 120 -28.07 -0.30 -3.80
N LEU A 121 -27.45 0.59 -4.59
CA LEU A 121 -27.13 1.95 -4.18
C LEU A 121 -28.20 2.89 -4.71
N SER A 122 -28.70 3.76 -3.83
CA SER A 122 -29.71 4.71 -4.17
C SER A 122 -29.49 6.02 -3.41
N MET A 123 -29.96 7.09 -3.99
CA MET A 123 -29.82 8.42 -3.40
C MET A 123 -30.83 8.70 -2.25
N ALA A 124 -30.31 9.14 -1.10
CA ALA A 124 -31.16 9.75 -0.05
C ALA A 124 -31.56 11.12 -0.58
N ASN A 125 -32.67 11.70 -0.07
CA ASN A 125 -32.96 13.07 -0.47
C ASN A 125 -33.82 13.74 0.58
N ALA A 126 -34.26 14.96 0.29
CA ALA A 126 -35.19 15.63 1.19
C ALA A 126 -36.39 16.07 0.38
N GLY A 127 -36.85 15.16 -0.48
CA GLY A 127 -37.93 15.44 -1.43
C GLY A 127 -37.44 15.44 -2.87
N PRO A 128 -38.37 15.70 -3.84
CA PRO A 128 -38.10 15.75 -5.29
C PRO A 128 -36.91 16.65 -5.57
N ASN A 129 -35.99 16.17 -6.39
CA ASN A 129 -34.91 16.98 -6.96
C ASN A 129 -34.07 17.67 -5.89
N THR A 130 -33.68 16.88 -4.89
CA THR A 130 -32.79 17.36 -3.82
C THR A 130 -31.60 16.42 -3.55
N ASN A 131 -31.13 15.71 -4.58
CA ASN A 131 -29.92 14.86 -4.43
C ASN A 131 -28.67 15.66 -4.07
N GLY A 132 -27.89 15.16 -3.11
CA GLY A 132 -26.65 15.81 -2.72
C GLY A 132 -25.53 14.78 -2.78
N SER A 133 -25.06 14.40 -1.60
CA SER A 133 -24.08 13.28 -1.46
C SER A 133 -24.63 12.04 -0.69
N GLN A 134 -25.67 12.20 0.12
CA GLN A 134 -26.17 11.08 0.90
C GLN A 134 -26.83 9.99 0.02
N PHE A 135 -26.63 8.76 0.46
CA PHE A 135 -27.02 7.59 -0.32
C PHE A 135 -27.32 6.48 0.65
N PHE A 136 -27.88 5.38 0.15
CA PHE A 136 -28.03 4.21 0.97
C PHE A 136 -27.74 2.97 0.15
N ILE A 137 -27.39 1.91 0.86
CA ILE A 137 -27.26 0.59 0.28
C ILE A 137 -28.42 -0.20 0.92
N THR A 138 -29.28 -0.74 0.08
CA THR A 138 -30.43 -1.49 0.59
C THR A 138 -29.94 -2.84 1.14
N THR A 139 -30.67 -3.36 2.12
CA THR A 139 -30.41 -4.72 2.58
C THR A 139 -31.63 -5.62 2.40
N VAL A 140 -32.70 -5.06 1.84
CA VAL A 140 -33.96 -5.78 1.50
C VAL A 140 -34.48 -5.06 0.25
N PRO A 141 -35.41 -5.69 -0.52
CA PRO A 141 -36.13 -4.89 -1.50
C PRO A 141 -36.91 -3.74 -0.85
N CYS A 142 -36.87 -2.55 -1.45
CA CYS A 142 -37.53 -1.35 -0.89
C CYS A 142 -38.46 -0.74 -1.95
N PRO A 143 -39.39 -1.54 -2.45
CA PRO A 143 -40.21 -1.04 -3.56
C PRO A 143 -41.02 0.20 -3.24
N TRP A 144 -41.41 0.41 -1.97
CA TRP A 144 -42.11 1.65 -1.59
C TRP A 144 -41.29 2.91 -1.90
N LEU A 145 -40.00 2.73 -2.22
CA LEU A 145 -39.13 3.87 -2.58
C LEU A 145 -39.02 4.12 -4.08
N ASP A 146 -39.54 3.20 -4.91
CA ASP A 146 -39.53 3.39 -6.37
C ASP A 146 -40.16 4.70 -6.82
N GLY A 147 -39.49 5.40 -7.73
CA GLY A 147 -40.03 6.65 -8.25
C GLY A 147 -39.76 7.82 -7.31
N LYS A 148 -39.16 7.56 -6.15
CA LYS A 148 -38.79 8.62 -5.20
C LYS A 148 -37.29 8.78 -4.92
N HIS A 149 -36.53 7.69 -5.10
CA HIS A 149 -35.07 7.69 -4.84
C HIS A 149 -34.41 7.08 -6.04
N VAL A 150 -33.36 7.75 -6.53
CA VAL A 150 -32.68 7.34 -7.73
C VAL A 150 -31.70 6.22 -7.43
N VAL A 151 -31.97 5.06 -8.00
CA VAL A 151 -31.09 3.89 -7.88
C VAL A 151 -30.03 4.03 -8.96
N PHE A 152 -28.76 3.85 -8.58
CA PHE A 152 -27.63 4.21 -9.48
C PHE A 152 -26.45 3.21 -9.45
N GLY A 153 -26.58 2.18 -8.65
CA GLY A 153 -25.56 1.12 -8.66
C GLY A 153 -25.89 -0.07 -7.79
N LYS A 154 -24.89 -0.92 -7.63
CA LYS A 154 -25.01 -2.10 -6.79
C LYS A 154 -23.69 -2.50 -6.22
N VAL A 155 -23.74 -3.25 -5.13
CA VAL A 155 -22.54 -3.89 -4.57
C VAL A 155 -22.15 -5.09 -5.43
N LEU A 156 -20.87 -5.11 -5.81
CA LEU A 156 -20.26 -6.25 -6.53
C LEU A 156 -19.60 -7.27 -5.59
N GLU A 157 -19.00 -6.76 -4.53
CA GLU A 157 -18.26 -7.57 -3.60
C GLU A 157 -18.25 -6.84 -2.28
N GLY A 158 -18.21 -7.61 -1.18
CA GLY A 158 -18.27 -7.00 0.15
C GLY A 158 -19.70 -7.02 0.68
N MET A 159 -20.55 -7.87 0.09
CA MET A 159 -21.91 -8.01 0.63
C MET A 159 -21.89 -8.33 2.12
N GLU A 160 -21.00 -9.25 2.54
CA GLU A 160 -20.91 -9.56 3.96
C GLU A 160 -20.47 -8.36 4.82
N VAL A 161 -19.66 -7.47 4.24
CA VAL A 161 -19.36 -6.20 4.97
C VAL A 161 -20.61 -5.33 5.19
N VAL A 162 -21.47 -5.23 4.17
CA VAL A 162 -22.73 -4.48 4.28
C VAL A 162 -23.57 -5.11 5.41
N LYS A 163 -23.61 -6.44 5.45
CA LYS A 163 -24.38 -7.17 6.48
C LYS A 163 -23.82 -6.89 7.88
N SER A 164 -22.50 -6.78 7.98
CA SER A 164 -21.86 -6.47 9.25
C SER A 164 -22.21 -5.03 9.71
N ILE A 165 -22.20 -4.09 8.77
CA ILE A 165 -22.64 -2.70 9.02
C ILE A 165 -24.13 -2.72 9.46
N GLU A 166 -24.98 -3.42 8.70
CA GLU A 166 -26.41 -3.49 9.00
C GLU A 166 -26.69 -3.95 10.43
N LYS A 167 -25.95 -4.96 10.89
CA LYS A 167 -26.09 -5.48 12.26
C LYS A 167 -25.75 -4.43 13.32
N CYS A 168 -24.97 -3.41 12.92
CA CYS A 168 -24.68 -2.24 13.79
C CYS A 168 -25.80 -1.20 13.87
N GLY A 169 -26.94 -1.47 13.25
CA GLY A 169 -28.05 -0.53 13.23
C GLY A 169 -28.97 -0.59 14.45
N SER A 170 -30.02 0.21 14.40
CA SER A 170 -31.01 0.32 15.50
C SER A 170 -32.32 0.71 14.88
N GLN A 171 -33.42 0.50 15.62
CA GLN A 171 -34.70 0.95 15.10
C GLN A 171 -34.79 2.48 14.99
N ASN A 172 -34.10 3.22 15.83
CA ASN A 172 -34.09 4.68 15.69
C ASN A 172 -33.01 5.15 14.70
N GLY A 173 -32.30 4.20 14.08
CA GLY A 173 -31.28 4.51 13.07
C GLY A 173 -29.89 4.82 13.62
N LYS A 174 -29.79 5.06 14.92
CA LYS A 174 -28.49 5.40 15.52
C LYS A 174 -27.60 4.14 15.53
N PRO A 175 -26.40 4.22 14.93
CA PRO A 175 -25.50 3.05 14.98
C PRO A 175 -25.10 2.70 16.42
N THR A 176 -24.93 1.40 16.67
CA THR A 176 -24.45 0.98 17.99
C THR A 176 -22.95 0.98 18.08
N LYS A 177 -22.27 1.13 16.93
CA LYS A 177 -20.84 1.26 16.86
C LYS A 177 -20.60 2.11 15.64
N SER A 178 -19.63 3.02 15.69
CA SER A 178 -19.36 3.90 14.52
C SER A 178 -18.91 3.10 13.31
N VAL A 179 -19.39 3.46 12.12
CA VAL A 179 -19.01 2.73 10.88
C VAL A 179 -18.45 3.77 9.94
N CYS A 180 -17.14 3.70 9.71
CA CYS A 180 -16.41 4.74 8.98
C CYS A 180 -15.95 4.26 7.61
N ILE A 181 -16.12 5.13 6.61
CA ILE A 181 -15.44 4.95 5.33
C ILE A 181 -14.03 5.53 5.47
N THR A 182 -13.08 4.66 5.80
CA THR A 182 -11.69 5.09 6.06
C THR A 182 -10.92 5.41 4.77
N ALA A 183 -11.36 4.80 3.66
CA ALA A 183 -10.81 5.15 2.34
C ALA A 183 -11.86 4.93 1.27
N SER A 184 -11.73 5.66 0.17
CA SER A 184 -12.71 5.54 -0.93
C SER A 184 -11.95 5.86 -2.18
N GLY A 185 -12.40 5.31 -3.32
CA GLY A 185 -11.83 5.73 -4.57
C GLY A 185 -12.22 4.79 -5.69
N VAL A 186 -11.39 4.77 -6.73
CA VAL A 186 -11.53 3.89 -7.87
C VAL A 186 -10.33 2.92 -7.83
N LEU B 14 -9.11 -27.00 10.46
CA LEU B 14 -8.13 -26.85 11.57
C LEU B 14 -7.89 -25.36 11.86
N TYR B 15 -8.26 -24.93 13.07
CA TYR B 15 -8.31 -23.52 13.44
C TYR B 15 -7.34 -23.10 14.51
N PHE B 16 -6.66 -21.99 14.24
CA PHE B 16 -5.80 -21.35 15.22
C PHE B 16 -6.12 -19.86 15.24
N GLN B 17 -6.40 -19.34 16.44
CA GLN B 17 -6.77 -17.93 16.63
C GLN B 17 -7.88 -17.48 15.67
N GLY B 18 -8.81 -18.41 15.39
CA GLY B 18 -10.04 -18.15 14.62
C GLY B 18 -10.03 -18.54 13.15
N ASN B 19 -8.85 -18.74 12.59
CA ASN B 19 -8.74 -18.88 11.15
C ASN B 19 -8.25 -20.24 10.72
N PRO B 20 -8.56 -20.63 9.47
CA PRO B 20 -8.10 -21.92 8.97
C PRO B 20 -6.59 -21.99 8.85
N VAL B 21 -6.06 -23.22 8.89
CA VAL B 21 -4.64 -23.44 8.89
C VAL B 21 -4.33 -24.49 7.79
N VAL B 22 -3.24 -24.23 7.05
CA VAL B 22 -2.81 -25.06 5.93
C VAL B 22 -1.29 -25.26 6.02
N TYR B 23 -0.73 -26.19 5.26
CA TYR B 23 0.70 -26.43 5.32
C TYR B 23 1.27 -26.64 3.91
N PHE B 24 2.57 -26.38 3.81
CA PHE B 24 3.41 -26.80 2.69
C PHE B 24 4.55 -27.68 3.23
N ASP B 25 4.79 -28.84 2.61
CA ASP B 25 6.05 -29.54 2.83
C ASP B 25 7.01 -29.11 1.71
N ILE B 26 8.23 -28.71 2.08
CA ILE B 26 9.24 -28.12 1.18
C ILE B 26 10.50 -29.00 1.06
N SER B 27 11.00 -29.16 -0.15
CA SER B 27 12.35 -29.68 -0.39
C SER B 27 13.13 -28.65 -1.17
N ILE B 28 14.41 -28.53 -0.85
CA ILE B 28 15.33 -27.63 -1.53
C ILE B 28 16.29 -28.59 -2.24
N GLY B 29 16.28 -28.58 -3.57
CA GLY B 29 16.81 -29.71 -4.33
C GLY B 29 16.23 -31.01 -3.79
N GLN B 30 17.10 -31.95 -3.51
CA GLN B 30 16.70 -33.23 -2.97
C GLN B 30 16.43 -33.26 -1.45
N THR B 31 16.92 -32.23 -0.76
CA THR B 31 16.89 -32.18 0.69
C THR B 31 15.50 -31.78 1.18
N PRO B 32 14.86 -32.62 2.04
CA PRO B 32 13.64 -32.21 2.73
C PRO B 32 13.99 -31.06 3.62
N ALA B 33 13.22 -29.96 3.51
CA ALA B 33 13.53 -28.75 4.26
C ALA B 33 12.57 -28.54 5.46
N GLY B 34 11.49 -29.29 5.51
CA GLY B 34 10.50 -29.15 6.58
C GLY B 34 9.12 -28.65 6.17
N ARG B 35 8.30 -28.30 7.16
CA ARG B 35 6.92 -27.87 6.92
C ARG B 35 6.76 -26.38 7.20
N ILE B 36 6.03 -25.70 6.30
CA ILE B 36 5.55 -24.33 6.53
C ILE B 36 4.08 -24.47 6.84
N THR B 37 3.72 -24.03 8.05
CA THR B 37 2.32 -24.03 8.49
C THR B 37 1.85 -22.57 8.50
N MET B 38 0.71 -22.35 7.85
CA MET B 38 0.17 -21.00 7.61
C MET B 38 -1.26 -20.81 8.14
N GLU B 39 -1.53 -19.65 8.75
CA GLU B 39 -2.90 -19.23 9.08
C GLU B 39 -3.40 -18.33 7.94
N LEU B 40 -4.62 -18.59 7.47
CA LEU B 40 -5.27 -17.77 6.46
C LEU B 40 -6.30 -16.86 7.13
N PHE B 41 -6.29 -15.58 6.78
CA PHE B 41 -7.19 -14.62 7.42
C PHE B 41 -8.60 -14.63 6.79
N ALA B 42 -9.27 -15.78 6.83
CA ALA B 42 -10.60 -15.98 6.29
C ALA B 42 -11.66 -15.09 6.98
N ASP B 43 -11.40 -14.68 8.23
CA ASP B 43 -12.32 -13.78 8.93
C ASP B 43 -12.52 -12.45 8.19
N LYS B 44 -11.45 -11.92 7.61
CA LYS B 44 -11.45 -10.58 6.97
C LYS B 44 -11.21 -10.62 5.46
N VAL B 45 -10.65 -11.72 4.96
CA VAL B 45 -10.34 -11.83 3.54
C VAL B 45 -10.78 -13.23 3.05
N PRO B 46 -12.09 -13.54 3.20
CA PRO B 46 -12.60 -14.89 2.99
C PRO B 46 -12.45 -15.46 1.57
N ILE B 47 -12.64 -14.62 0.55
CA ILE B 47 -12.59 -15.09 -0.83
C ILE B 47 -11.16 -15.50 -1.22
N THR B 48 -10.22 -14.64 -0.83
CA THR B 48 -8.80 -14.85 -1.02
C THR B 48 -8.27 -16.03 -0.18
N ALA B 49 -8.70 -16.11 1.09
CA ALA B 49 -8.26 -17.18 1.98
C ALA B 49 -8.72 -18.51 1.42
N GLU B 50 -9.98 -18.57 0.96
CA GLU B 50 -10.60 -19.79 0.44
C GLU B 50 -9.94 -20.28 -0.85
N ASN B 51 -9.58 -19.33 -1.71
CA ASN B 51 -8.78 -19.67 -2.88
C ASN B 51 -7.50 -20.41 -2.47
N PHE B 52 -6.69 -19.78 -1.62
CA PHE B 52 -5.43 -20.38 -1.18
C PHE B 52 -5.66 -21.73 -0.47
N ARG B 53 -6.71 -21.83 0.36
CA ARG B 53 -6.99 -23.09 1.05
C ARG B 53 -7.31 -24.24 0.10
N ALA B 54 -8.21 -24.01 -0.84
CA ALA B 54 -8.65 -24.98 -1.80
C ALA B 54 -7.47 -25.41 -2.68
N LEU B 55 -6.62 -24.44 -3.01
CA LEU B 55 -5.36 -24.69 -3.75
C LEU B 55 -4.34 -25.49 -2.97
N CYS B 56 -4.39 -25.41 -1.66
CA CYS B 56 -3.54 -26.27 -0.82
C CYS B 56 -4.02 -27.76 -0.87
N THR B 57 -5.32 -27.98 -0.97
CA THR B 57 -5.89 -29.34 -0.91
C THR B 57 -6.19 -29.97 -2.27
N GLY B 58 -6.31 -29.16 -3.32
CA GLY B 58 -6.68 -29.68 -4.62
C GLY B 58 -8.11 -30.19 -4.79
N GLU B 59 -8.97 -29.89 -3.80
CA GLU B 59 -10.35 -30.37 -3.73
C GLU B 59 -11.26 -29.90 -4.86
N LYS B 60 -10.88 -28.81 -5.52
CA LYS B 60 -11.65 -28.28 -6.65
C LYS B 60 -11.37 -29.01 -7.97
N GLY B 61 -10.39 -29.92 -7.97
CA GLY B 61 -10.09 -30.71 -9.15
C GLY B 61 -9.25 -30.02 -10.21
N MET B 62 -9.43 -30.42 -11.45
CA MET B 62 -8.66 -29.89 -12.56
C MET B 62 -9.04 -28.45 -12.88
N GLY B 63 -8.04 -27.66 -13.25
CA GLY B 63 -8.25 -26.30 -13.74
C GLY B 63 -8.50 -26.32 -15.24
N GLN B 64 -8.83 -25.17 -15.80
CA GLN B 64 -9.10 -25.05 -17.24
C GLN B 64 -7.84 -25.20 -18.06
N SER B 65 -6.71 -24.97 -17.40
CA SER B 65 -5.37 -25.07 -17.95
C SER B 65 -4.95 -26.50 -18.24
N GLY B 66 -5.71 -27.47 -17.73
CA GLY B 66 -5.33 -28.88 -17.84
C GLY B 66 -4.35 -29.28 -16.75
N LYS B 67 -4.24 -28.43 -15.74
CA LYS B 67 -3.44 -28.72 -14.57
C LYS B 67 -4.36 -28.82 -13.35
N PRO B 68 -3.98 -29.61 -12.33
CA PRO B 68 -4.80 -29.66 -11.12
C PRO B 68 -4.74 -28.32 -10.40
N LEU B 69 -5.85 -27.95 -9.75
CA LEU B 69 -5.91 -26.73 -8.96
C LEU B 69 -5.29 -27.01 -7.60
N CYS B 70 -3.97 -27.09 -7.57
CA CYS B 70 -3.26 -27.56 -6.40
C CYS B 70 -1.81 -27.14 -6.40
N TYR B 71 -1.31 -26.70 -5.26
CA TYR B 71 0.07 -26.24 -5.12
C TYR B 71 1.05 -27.42 -5.07
N THR B 72 0.56 -28.60 -4.74
CA THR B 72 1.45 -29.78 -4.61
C THR B 72 2.20 -29.99 -5.92
N GLY B 73 3.52 -29.96 -5.80
CA GLY B 73 4.47 -30.28 -6.89
C GLY B 73 4.90 -29.05 -7.67
N SER B 74 4.38 -27.89 -7.28
CA SER B 74 4.83 -26.63 -7.84
C SER B 74 6.06 -26.11 -7.10
N PHE B 75 6.69 -25.09 -7.66
CA PHE B 75 7.95 -24.58 -7.14
C PHE B 75 7.85 -23.11 -6.75
N PHE B 76 8.83 -22.66 -5.96
CA PHE B 76 9.07 -21.24 -5.74
C PHE B 76 9.95 -20.75 -6.89
N HIS B 77 9.33 -20.17 -7.91
CA HIS B 77 10.04 -19.83 -9.14
C HIS B 77 10.81 -18.51 -9.09
N ARG B 78 10.57 -17.73 -8.04
CA ARG B 78 11.19 -16.39 -7.92
C ARG B 78 11.49 -16.10 -6.46
N ILE B 79 12.76 -15.81 -6.17
CA ILE B 79 13.20 -15.70 -4.80
C ILE B 79 14.18 -14.57 -4.74
N ILE B 80 13.91 -13.60 -3.87
CA ILE B 80 14.77 -12.43 -3.75
C ILE B 80 15.11 -12.29 -2.27
N PRO B 81 16.40 -12.48 -1.91
CA PRO B 81 16.80 -12.35 -0.50
C PRO B 81 16.50 -10.95 0.01
N GLN B 82 16.17 -10.86 1.29
CA GLN B 82 15.80 -9.62 1.94
C GLN B 82 14.52 -8.98 1.35
N PHE B 83 13.63 -9.81 0.81
CA PHE B 83 12.39 -9.31 0.19
C PHE B 83 11.26 -10.33 0.35
N MET B 84 11.28 -11.39 -0.47
CA MET B 84 10.16 -12.32 -0.49
C MET B 84 10.51 -13.59 -1.27
N ILE B 85 9.69 -14.61 -1.09
CA ILE B 85 9.72 -15.82 -1.88
C ILE B 85 8.40 -15.95 -2.63
N GLN B 86 8.46 -16.29 -3.91
CA GLN B 86 7.24 -16.31 -4.73
C GLN B 86 7.01 -17.66 -5.35
N GLY B 87 5.79 -18.15 -5.24
CA GLY B 87 5.42 -19.42 -5.86
C GLY B 87 4.00 -19.37 -6.38
N GLY B 88 3.48 -20.56 -6.60
CA GLY B 88 2.10 -20.73 -6.95
C GLY B 88 1.78 -20.84 -8.42
N ASP B 89 2.78 -20.82 -9.29
CA ASP B 89 2.48 -20.95 -10.70
C ASP B 89 2.52 -22.43 -11.10
N PHE B 90 1.41 -23.12 -10.86
CA PHE B 90 1.32 -24.55 -11.13
C PHE B 90 0.90 -24.88 -12.55
N THR B 91 0.77 -23.86 -13.39
CA THR B 91 0.40 -24.10 -14.79
C THR B 91 1.59 -23.92 -15.77
N ARG B 92 2.45 -22.93 -15.50
CA ARG B 92 3.60 -22.64 -16.41
C ARG B 92 4.96 -22.62 -15.70
N GLY B 93 4.91 -22.55 -14.37
CA GLY B 93 6.10 -22.65 -13.57
C GLY B 93 7.11 -21.52 -13.61
N ASP B 94 6.78 -20.41 -14.29
CA ASP B 94 7.74 -19.34 -14.49
C ASP B 94 7.20 -17.94 -14.20
N GLY B 95 5.99 -17.87 -13.66
CA GLY B 95 5.38 -16.57 -13.33
C GLY B 95 4.33 -16.14 -14.35
N THR B 96 4.25 -16.87 -15.46
CA THR B 96 3.28 -16.46 -16.49
C THR B 96 1.91 -17.13 -16.32
N GLY B 97 1.78 -18.03 -15.35
CA GLY B 97 0.58 -18.84 -15.28
C GLY B 97 -0.07 -18.85 -13.91
N GLY B 98 -0.75 -19.94 -13.63
CA GLY B 98 -1.49 -20.10 -12.39
C GLY B 98 -2.95 -19.82 -12.64
N GLU B 99 -3.80 -20.37 -11.78
CA GLU B 99 -5.22 -20.08 -11.87
C GLU B 99 -5.90 -20.22 -10.54
N SER B 100 -6.93 -19.40 -10.35
CA SER B 100 -7.75 -19.42 -9.12
C SER B 100 -8.81 -20.50 -9.19
N ILE B 101 -9.46 -20.78 -8.06
CA ILE B 101 -10.59 -21.71 -8.03
C ILE B 101 -11.86 -21.08 -8.64
N TYR B 102 -11.83 -19.78 -8.88
CA TYR B 102 -13.02 -19.07 -9.35
C TYR B 102 -13.12 -19.03 -10.87
N GLY B 103 -12.10 -19.54 -11.52
CA GLY B 103 -12.04 -19.51 -12.98
C GLY B 103 -11.41 -18.21 -13.38
N LYS B 105 -9.26 -15.24 -13.15
CA LYS B 105 -8.66 -14.43 -12.13
C LYS B 105 -9.76 -13.70 -11.32
N PHE B 106 -9.41 -13.24 -10.12
CA PHE B 106 -10.42 -12.62 -9.26
C PHE B 106 -10.05 -11.26 -8.71
N ARG B 107 -11.08 -10.49 -8.36
CA ARG B 107 -10.88 -9.14 -7.86
C ARG B 107 -10.03 -9.05 -6.58
N ASP B 108 -9.31 -7.94 -6.42
CA ASP B 108 -8.70 -7.61 -5.15
C ASP B 108 -9.80 -7.44 -4.10
N GLU B 109 -9.85 -8.36 -3.15
CA GLU B 109 -10.95 -8.43 -2.19
C GLU B 109 -10.99 -7.21 -1.25
N ASN B 110 -9.85 -6.89 -0.64
CA ASN B 110 -9.69 -5.72 0.24
C ASN B 110 -8.18 -5.52 0.54
N PHE B 111 -7.83 -4.44 1.23
CA PHE B 111 -6.47 -4.26 1.68
C PHE B 111 -6.42 -3.99 3.17
N VAL B 112 -7.20 -4.78 3.91
CA VAL B 112 -7.21 -4.73 5.37
C VAL B 112 -5.81 -4.85 5.98
N TYR B 113 -5.06 -5.85 5.49
CA TYR B 113 -3.77 -6.15 6.09
C TYR B 113 -2.63 -5.56 5.27
N THR B 114 -1.65 -4.97 5.95
CA THR B 114 -0.54 -4.36 5.25
C THR B 114 0.64 -5.33 5.32
N HIS B 115 1.66 -5.06 4.51
CA HIS B 115 2.90 -5.84 4.49
C HIS B 115 3.86 -5.24 5.55
N ASP B 116 3.51 -5.39 6.82
CA ASP B 116 4.22 -4.65 7.86
C ASP B 116 5.19 -5.52 8.66
N ALA B 117 5.28 -6.81 8.31
CA ALA B 117 6.10 -7.74 9.05
C ALA B 117 6.62 -8.80 8.09
N PRO B 118 7.75 -9.44 8.43
CA PRO B 118 8.12 -10.66 7.70
C PRO B 118 7.11 -11.77 7.93
N PHE B 119 7.15 -12.78 7.05
CA PHE B 119 6.33 -13.99 7.09
C PHE B 119 4.82 -13.83 6.79
N LEU B 120 4.46 -12.74 6.13
CA LEU B 120 3.09 -12.59 5.62
C LEU B 120 2.86 -13.21 4.25
N LEU B 121 1.66 -13.76 4.06
CA LEU B 121 1.23 -14.27 2.78
C LEU B 121 0.47 -13.20 1.99
N SER B 122 0.91 -12.94 0.77
CA SER B 122 0.25 -11.95 -0.09
C SER B 122 0.11 -12.46 -1.55
N MET B 123 -0.85 -11.91 -2.27
CA MET B 123 -1.12 -12.31 -3.65
C MET B 123 -0.17 -11.59 -4.61
N ALA B 124 0.52 -12.35 -5.46
CA ALA B 124 1.18 -11.77 -6.64
C ALA B 124 0.10 -11.45 -7.64
N ASN B 125 0.40 -10.53 -8.57
CA ASN B 125 -0.58 -10.17 -9.56
C ASN B 125 0.07 -9.49 -10.74
N ALA B 126 -0.74 -9.13 -11.73
CA ALA B 126 -0.26 -8.41 -12.91
C ALA B 126 -1.05 -7.11 -13.12
N GLY B 127 -1.24 -6.38 -12.04
CA GLY B 127 -2.15 -5.22 -11.99
C GLY B 127 -3.41 -5.44 -11.15
N PRO B 128 -4.26 -4.41 -11.05
CA PRO B 128 -5.53 -4.50 -10.30
C PRO B 128 -6.41 -5.69 -10.73
N ASN B 129 -6.94 -6.43 -9.76
CA ASN B 129 -7.94 -7.48 -10.01
C ASN B 129 -7.44 -8.58 -10.94
N THR B 130 -6.22 -9.04 -10.70
CA THR B 130 -5.62 -10.13 -11.50
C THR B 130 -5.13 -11.31 -10.63
N ASN B 131 -5.78 -11.54 -9.49
CA ASN B 131 -5.38 -12.62 -8.57
C ASN B 131 -5.65 -13.97 -9.20
N GLY B 132 -4.67 -14.87 -9.16
CA GLY B 132 -4.87 -16.20 -9.68
C GLY B 132 -4.52 -17.17 -8.57
N SER B 133 -3.35 -17.79 -8.69
CA SER B 133 -2.84 -18.71 -7.67
C SER B 133 -1.50 -18.29 -7.12
N GLN B 134 -0.77 -17.46 -7.87
CA GLN B 134 0.53 -17.00 -7.42
C GLN B 134 0.50 -16.13 -6.15
N PHE B 135 1.45 -16.40 -5.27
CA PHE B 135 1.49 -15.76 -3.96
C PHE B 135 2.95 -15.54 -3.63
N PHE B 136 3.19 -14.76 -2.57
CA PHE B 136 4.51 -14.62 -1.98
C PHE B 136 4.43 -14.61 -0.46
N ILE B 137 5.54 -14.98 0.17
CA ILE B 137 5.75 -14.85 1.60
C ILE B 137 6.88 -13.83 1.78
N THR B 138 6.58 -12.75 2.49
CA THR B 138 7.57 -11.74 2.71
C THR B 138 8.61 -12.21 3.72
N THR B 139 9.80 -11.64 3.61
CA THR B 139 10.84 -11.85 4.61
C THR B 139 11.26 -10.50 5.24
N VAL B 140 10.61 -9.42 4.79
CA VAL B 140 10.77 -8.06 5.35
C VAL B 140 9.42 -7.35 5.24
N PRO B 141 9.18 -6.27 6.02
CA PRO B 141 8.07 -5.37 5.66
C PRO B 141 8.22 -4.78 4.25
N CYS B 142 7.13 -4.72 3.49
CA CYS B 142 7.14 -4.23 2.11
C CYS B 142 6.05 -3.18 1.93
N PRO B 143 6.20 -2.01 2.58
CA PRO B 143 5.07 -1.08 2.54
C PRO B 143 4.61 -0.60 1.14
N TRP B 144 5.51 -0.62 0.15
CA TRP B 144 5.17 -0.14 -1.19
C TRP B 144 4.19 -1.09 -1.86
N LEU B 145 3.97 -2.26 -1.25
CA LEU B 145 3.00 -3.24 -1.81
C LEU B 145 1.59 -3.09 -1.19
N ASP B 146 1.47 -2.24 -0.15
CA ASP B 146 0.18 -2.03 0.51
C ASP B 146 -0.80 -1.40 -0.47
N GLY B 147 -2.02 -1.91 -0.47
CA GLY B 147 -3.05 -1.41 -1.37
C GLY B 147 -2.89 -1.88 -2.80
N LYS B 148 -1.86 -2.68 -3.07
CA LYS B 148 -1.68 -3.24 -4.42
C LYS B 148 -1.66 -4.79 -4.42
N HIS B 149 -1.21 -5.39 -3.31
CA HIS B 149 -1.22 -6.85 -3.17
C HIS B 149 -2.00 -7.24 -1.93
N VAL B 150 -2.99 -8.10 -2.12
CA VAL B 150 -3.88 -8.52 -1.03
C VAL B 150 -3.11 -9.43 -0.08
N VAL B 151 -2.93 -8.96 1.17
CA VAL B 151 -2.34 -9.78 2.25
C VAL B 151 -3.44 -10.64 2.87
N PHE B 152 -3.23 -11.97 2.97
CA PHE B 152 -4.31 -12.88 3.34
C PHE B 152 -3.92 -13.95 4.36
N GLY B 153 -2.70 -13.91 4.88
CA GLY B 153 -2.26 -14.92 5.85
C GLY B 153 -0.91 -14.66 6.42
N LYS B 154 -0.44 -15.56 7.28
CA LYS B 154 0.89 -15.44 7.84
C LYS B 154 1.41 -16.83 8.21
N VAL B 155 2.72 -16.95 8.33
CA VAL B 155 3.34 -18.22 8.72
C VAL B 155 3.26 -18.37 10.24
N LEU B 156 2.84 -19.54 10.71
CA LEU B 156 2.73 -19.84 12.16
C LEU B 156 3.91 -20.70 12.60
N GLU B 157 4.32 -21.60 11.71
CA GLU B 157 5.52 -22.37 11.94
C GLU B 157 6.17 -22.68 10.60
N GLY B 158 7.49 -22.86 10.65
CA GLY B 158 8.29 -23.06 9.45
C GLY B 158 8.96 -21.79 9.00
N MET B 159 9.02 -20.80 9.88
CA MET B 159 9.74 -19.55 9.59
C MET B 159 11.19 -19.80 9.18
N GLU B 160 11.85 -20.76 9.83
CA GLU B 160 13.20 -21.12 9.41
C GLU B 160 13.21 -21.78 8.03
N VAL B 161 12.14 -22.51 7.70
CA VAL B 161 12.00 -23.08 6.35
C VAL B 161 11.96 -21.97 5.28
N VAL B 162 11.11 -20.96 5.51
CA VAL B 162 11.07 -19.75 4.66
C VAL B 162 12.45 -19.08 4.51
N LYS B 163 13.17 -18.91 5.62
CA LYS B 163 14.51 -18.35 5.60
C LYS B 163 15.48 -19.24 4.77
N SER B 164 15.31 -20.56 4.86
CA SER B 164 16.10 -21.52 4.06
C SER B 164 15.82 -21.32 2.57
N ILE B 165 14.55 -21.14 2.22
CA ILE B 165 14.14 -20.85 0.83
C ILE B 165 14.73 -19.53 0.35
N GLU B 166 14.67 -18.50 1.21
CA GLU B 166 15.19 -17.16 0.88
C GLU B 166 16.67 -17.14 0.53
N LYS B 167 17.43 -18.05 1.14
CA LYS B 167 18.86 -18.19 0.83
C LYS B 167 19.14 -18.76 -0.57
N CYS B 168 18.08 -19.28 -1.25
CA CYS B 168 18.19 -19.84 -2.62
C CYS B 168 17.84 -18.83 -3.71
N GLY B 169 18.01 -17.56 -3.41
CA GLY B 169 17.58 -16.50 -4.32
C GLY B 169 18.73 -15.74 -4.93
N SER B 170 18.37 -14.69 -5.67
CA SER B 170 19.26 -13.80 -6.40
C SER B 170 18.67 -12.41 -6.37
N GLN B 171 19.50 -11.39 -6.62
CA GLN B 171 19.02 -10.01 -6.75
C GLN B 171 17.97 -9.91 -7.85
N ASN B 172 18.13 -10.67 -8.93
CA ASN B 172 17.14 -10.64 -10.00
C ASN B 172 16.06 -11.70 -9.90
N GLY B 173 16.05 -12.44 -8.79
CA GLY B 173 14.95 -13.33 -8.48
C GLY B 173 15.09 -14.76 -8.98
N LYS B 174 16.07 -15.02 -9.85
CA LYS B 174 16.28 -16.42 -10.32
C LYS B 174 16.68 -17.32 -9.16
N PRO B 175 15.95 -18.41 -8.96
CA PRO B 175 16.30 -19.31 -7.87
C PRO B 175 17.60 -20.07 -8.21
N THR B 176 18.45 -20.24 -7.19
CA THR B 176 19.71 -20.98 -7.30
C THR B 176 19.51 -22.48 -7.04
N LYS B 177 18.36 -22.86 -6.46
CA LYS B 177 18.00 -24.24 -6.23
C LYS B 177 16.54 -24.46 -6.55
N SER B 178 16.19 -25.71 -6.83
CA SER B 178 14.84 -26.11 -7.13
C SER B 178 14.14 -26.28 -5.78
N VAL B 179 13.20 -25.38 -5.48
CA VAL B 179 12.50 -25.42 -4.21
C VAL B 179 11.08 -25.86 -4.50
N CYS B 180 10.70 -27.04 -4.04
CA CYS B 180 9.43 -27.65 -4.46
C CYS B 180 8.48 -27.81 -3.29
N ILE B 181 7.19 -27.62 -3.56
CA ILE B 181 6.12 -27.93 -2.59
C ILE B 181 5.75 -29.38 -2.80
N THR B 182 6.36 -30.27 -2.01
CA THR B 182 6.20 -31.71 -2.21
C THR B 182 4.83 -32.23 -1.77
N ALA B 183 4.19 -31.52 -0.84
CA ALA B 183 2.81 -31.82 -0.49
C ALA B 183 2.24 -30.55 0.09
N SER B 184 0.93 -30.50 0.11
CA SER B 184 0.20 -29.36 0.67
C SER B 184 -1.15 -29.89 1.11
N GLY B 185 -1.76 -29.19 2.06
CA GLY B 185 -3.14 -29.45 2.42
C GLY B 185 -3.50 -28.79 3.73
N VAL B 186 -4.40 -29.45 4.45
CA VAL B 186 -4.77 -29.08 5.82
C VAL B 186 -4.36 -30.27 6.72
N GLY C 18 32.81 9.86 21.01
CA GLY C 18 33.46 11.07 20.42
C GLY C 18 33.16 11.18 18.94
N ASN C 19 32.10 10.49 18.50
CA ASN C 19 31.61 10.60 17.13
C ASN C 19 31.37 12.07 16.74
N PRO C 20 31.78 12.45 15.51
CA PRO C 20 31.54 13.81 14.97
C PRO C 20 30.04 14.11 14.92
N VAL C 21 29.69 15.36 15.19
CA VAL C 21 28.35 15.88 14.92
C VAL C 21 28.48 16.95 13.83
N VAL C 22 27.63 16.85 12.81
CA VAL C 22 27.65 17.78 11.66
C VAL C 22 26.25 18.37 11.49
N TYR C 23 26.12 19.40 10.68
CA TYR C 23 24.82 20.02 10.48
C TYR C 23 24.61 20.49 9.05
N PHE C 24 23.33 20.56 8.67
CA PHE C 24 22.85 21.20 7.45
C PHE C 24 21.89 22.31 7.87
N ASP C 25 22.01 23.48 7.26
CA ASP C 25 20.94 24.47 7.33
C ASP C 25 20.22 24.31 5.99
N ILE C 26 18.91 24.28 6.04
CA ILE C 26 18.06 23.96 4.88
C ILE C 26 17.15 25.14 4.49
N SER C 27 17.00 25.36 3.18
CA SER C 27 15.94 26.21 2.65
C SER C 27 15.05 25.41 1.68
N ILE C 28 13.76 25.70 1.72
CA ILE C 28 12.76 25.04 0.90
C ILE C 28 12.06 26.17 0.16
N GLY C 29 12.08 26.13 -1.17
CA GLY C 29 11.60 27.24 -2.00
C GLY C 29 12.21 28.56 -1.53
N GLN C 30 13.51 28.54 -1.27
CA GLN C 30 14.28 29.69 -0.75
C GLN C 30 13.77 30.32 0.55
N THR C 31 13.04 29.53 1.32
CA THR C 31 12.57 29.94 2.63
C THR C 31 13.34 29.10 3.64
N PRO C 32 14.00 29.75 4.62
CA PRO C 32 14.75 29.01 5.64
C PRO C 32 13.85 28.03 6.37
N ALA C 33 14.29 26.78 6.42
CA ALA C 33 13.49 25.71 6.96
C ALA C 33 14.07 25.09 8.22
N GLY C 34 15.24 25.55 8.63
CA GLY C 34 15.84 25.09 9.88
C GLY C 34 17.08 24.23 9.73
N ARG C 35 17.61 23.76 10.86
CA ARG C 35 18.85 23.07 10.94
C ARG C 35 18.65 21.62 11.31
N ILE C 36 19.39 20.78 10.61
CA ILE C 36 19.43 19.35 10.91
C ILE C 36 20.82 19.05 11.47
N THR C 37 20.86 18.47 12.67
CA THR C 37 22.13 18.08 13.29
C THR C 37 22.20 16.54 13.27
N MET C 38 23.33 16.03 12.80
CA MET C 38 23.55 14.60 12.57
C MET C 38 24.78 14.10 13.35
N GLU C 39 24.65 12.91 13.94
CA GLU C 39 25.80 12.12 14.40
C GLU C 39 26.32 11.21 13.30
N LEU C 40 27.64 11.19 13.17
CA LEU C 40 28.28 10.25 12.25
C LEU C 40 28.99 9.13 13.03
N PHE C 41 28.70 7.89 12.64
CA PHE C 41 29.14 6.68 13.35
C PHE C 41 30.60 6.31 13.01
N ALA C 42 31.50 7.24 13.29
CA ALA C 42 32.94 7.15 12.97
C ALA C 42 33.58 5.96 13.68
N ASP C 43 33.04 5.60 14.83
CA ASP C 43 33.54 4.47 15.61
C ASP C 43 33.37 3.11 14.93
N LYS C 44 32.33 2.95 14.11
CA LYS C 44 32.11 1.65 13.46
C LYS C 44 32.20 1.73 11.94
N VAL C 45 32.03 2.92 11.36
CA VAL C 45 32.23 3.15 9.93
C VAL C 45 33.12 4.38 9.65
N PRO C 46 34.38 4.35 10.11
CA PRO C 46 35.28 5.51 10.07
C PRO C 46 35.55 6.13 8.68
N ILE C 47 35.63 5.30 7.66
CA ILE C 47 35.88 5.72 6.27
C ILE C 47 34.65 6.45 5.70
N THR C 48 33.47 5.85 5.91
CA THR C 48 32.21 6.37 5.40
C THR C 48 31.84 7.67 6.11
N ALA C 49 32.10 7.72 7.41
CA ALA C 49 31.78 8.89 8.22
C ALA C 49 32.69 10.08 7.93
N GLU C 50 33.97 9.83 7.67
CA GLU C 50 34.95 10.90 7.44
C GLU C 50 34.75 11.54 6.07
N ASN C 51 34.36 10.74 5.08
CA ASN C 51 33.90 11.26 3.81
C ASN C 51 32.81 12.32 4.02
N PHE C 52 31.80 11.98 4.84
CA PHE C 52 30.66 12.84 5.11
C PHE C 52 31.03 14.08 5.92
N ARG C 53 31.77 13.91 7.01
CA ARG C 53 32.21 15.05 7.83
C ARG C 53 32.99 16.08 7.01
N ALA C 54 33.89 15.58 6.16
CA ALA C 54 34.73 16.42 5.30
C ALA C 54 33.89 17.22 4.32
N LEU C 55 32.96 16.52 3.65
CA LEU C 55 32.00 17.16 2.76
C LEU C 55 31.07 18.15 3.45
N CYS C 56 30.88 18.03 4.76
CA CYS C 56 30.15 19.05 5.56
C CYS C 56 30.91 20.35 5.86
N THR C 57 32.17 20.23 6.26
CA THR C 57 33.00 21.39 6.56
C THR C 57 33.49 22.09 5.28
N GLY C 58 33.73 21.29 4.23
CA GLY C 58 34.33 21.78 2.99
C GLY C 58 35.84 21.99 3.09
N GLU C 59 36.46 21.31 4.06
CA GLU C 59 37.87 21.50 4.37
C GLU C 59 38.85 20.99 3.30
N LYS C 60 38.43 20.00 2.52
CA LYS C 60 39.28 19.44 1.46
C LYS C 60 39.14 20.25 0.16
N GLY C 61 38.84 21.54 0.34
CA GLY C 61 38.66 22.50 -0.76
C GLY C 61 38.05 21.92 -2.02
N MET C 62 38.85 21.89 -3.09
CA MET C 62 38.39 21.55 -4.44
C MET C 62 38.57 20.08 -4.79
N GLY C 63 37.75 19.57 -5.70
CA GLY C 63 37.79 18.15 -6.08
C GLY C 63 37.94 17.88 -7.56
N GLN C 64 38.06 16.59 -7.90
CA GLN C 64 38.36 16.13 -9.27
C GLN C 64 37.28 16.43 -10.32
N SER C 65 36.02 16.42 -9.88
CA SER C 65 34.86 16.55 -10.77
C SER C 65 34.76 17.91 -11.45
N GLY C 66 35.33 18.93 -10.80
CA GLY C 66 35.21 20.31 -11.25
C GLY C 66 34.72 21.20 -10.11
N LYS C 67 33.80 20.67 -9.31
CA LYS C 67 33.15 21.42 -8.23
C LYS C 67 33.82 21.14 -6.88
N PRO C 68 33.63 22.04 -5.88
CA PRO C 68 34.21 21.82 -4.56
C PRO C 68 33.62 20.60 -3.82
N LEU C 69 34.37 20.13 -2.82
CA LEU C 69 33.98 18.99 -2.02
C LEU C 69 33.26 19.53 -0.78
N CYS C 70 32.02 19.95 -1.04
CA CYS C 70 31.19 20.48 0.01
C CYS C 70 29.73 20.20 -0.34
N TYR C 71 28.93 20.01 0.69
CA TYR C 71 27.50 19.84 0.57
C TYR C 71 26.75 21.17 0.44
N THR C 72 27.32 22.24 1.00
CA THR C 72 26.71 23.58 0.95
C THR C 72 26.45 23.93 -0.52
N GLY C 73 25.21 24.34 -0.81
CA GLY C 73 24.81 24.73 -2.15
C GLY C 73 24.20 23.61 -2.99
N SER C 74 24.28 22.37 -2.50
CA SER C 74 23.69 21.23 -3.19
C SER C 74 22.22 21.08 -2.76
N PHE C 75 21.48 20.23 -3.48
CA PHE C 75 20.06 20.06 -3.27
C PHE C 75 19.66 18.62 -2.94
N PHE C 76 18.48 18.45 -2.35
CA PHE C 76 17.85 17.16 -2.25
C PHE C 76 17.08 16.90 -3.53
N HIS C 77 17.69 16.09 -4.40
CA HIS C 77 17.17 15.92 -5.76
C HIS C 77 16.10 14.86 -5.93
N ARG C 78 15.96 14.00 -4.91
CA ARG C 78 15.01 12.92 -5.01
C ARG C 78 14.45 12.74 -3.61
N ILE C 79 13.14 12.91 -3.52
CA ILE C 79 12.40 12.94 -2.24
C ILE C 79 11.12 12.13 -2.38
N ILE C 80 10.99 11.07 -1.58
CA ILE C 80 9.81 10.23 -1.61
C ILE C 80 9.16 10.14 -0.24
N PRO C 81 7.93 10.68 -0.10
CA PRO C 81 7.22 10.64 1.19
C PRO C 81 7.02 9.20 1.68
N GLN C 82 7.12 9.03 3.01
CA GLN C 82 7.11 7.73 3.70
C GLN C 82 8.22 6.78 3.23
N PHE C 83 9.32 7.35 2.80
CA PHE C 83 10.48 6.55 2.44
C PHE C 83 11.76 7.27 2.90
N MET C 84 12.15 8.30 2.15
CA MET C 84 13.43 8.95 2.39
C MET C 84 13.64 10.24 1.62
N ILE C 85 14.68 10.98 2.02
CA ILE C 85 15.13 12.16 1.27
C ILE C 85 16.55 11.89 0.80
N GLN C 86 16.81 12.17 -0.46
CA GLN C 86 18.12 11.83 -1.03
C GLN C 86 18.80 13.07 -1.57
N GLY C 87 20.06 13.25 -1.21
CA GLY C 87 20.84 14.32 -1.80
C GLY C 87 22.29 13.92 -1.99
N GLY C 88 23.17 14.90 -1.89
CA GLY C 88 24.60 14.71 -2.00
C GLY C 88 25.19 14.83 -3.39
N ASP C 89 24.35 14.86 -4.43
CA ASP C 89 24.87 14.96 -5.80
C ASP C 89 25.26 16.39 -6.15
N PHE C 90 26.44 16.82 -5.71
CA PHE C 90 26.92 18.19 -5.97
C PHE C 90 27.75 18.32 -7.28
N THR C 91 27.66 17.35 -8.17
CA THR C 91 28.37 17.42 -9.45
C THR C 91 27.43 17.37 -10.65
N ARG C 92 26.17 17.03 -10.42
CA ARG C 92 25.13 17.26 -11.44
C ARG C 92 23.69 17.31 -10.96
N GLY C 93 23.49 17.26 -9.65
CA GLY C 93 22.17 17.46 -9.05
C GLY C 93 21.01 16.60 -9.54
N ASP C 94 21.30 15.47 -10.21
CA ASP C 94 20.21 14.63 -10.71
C ASP C 94 20.29 13.15 -10.30
N GLY C 95 21.31 12.81 -9.51
CA GLY C 95 21.49 11.44 -9.08
C GLY C 95 22.57 10.68 -9.83
N THR C 96 23.11 11.26 -10.89
CA THR C 96 24.14 10.57 -11.70
C THR C 96 25.56 11.00 -11.32
N GLY C 97 25.68 11.98 -10.42
CA GLY C 97 26.96 12.54 -10.05
C GLY C 97 27.37 12.36 -8.61
N GLY C 98 28.15 13.32 -8.10
CA GLY C 98 28.74 13.26 -6.78
C GLY C 98 30.08 12.54 -6.73
N GLU C 99 30.92 12.92 -5.75
CA GLU C 99 32.24 12.29 -5.57
C GLU C 99 32.71 12.25 -4.11
N SER C 100 33.37 11.15 -3.73
CA SER C 100 33.92 11.02 -2.37
C SER C 100 35.20 11.84 -2.21
N ILE C 101 35.61 12.07 -0.96
CA ILE C 101 36.91 12.67 -0.68
C ILE C 101 38.11 11.73 -1.01
N TYR C 102 37.81 10.49 -1.42
CA TYR C 102 38.86 9.49 -1.75
C TYR C 102 39.07 9.28 -3.26
N GLY C 103 38.44 10.14 -4.07
CA GLY C 103 38.57 10.07 -5.52
C GLY C 103 37.62 9.07 -6.15
N LYS C 105 34.98 7.24 -6.10
CA LYS C 105 34.08 6.31 -5.40
C LYS C 105 34.83 5.37 -4.44
N PHE C 106 34.12 4.81 -3.46
CA PHE C 106 34.75 3.88 -2.50
C PHE C 106 33.92 2.63 -2.16
N ARG C 107 34.57 1.69 -1.46
CA ARG C 107 33.98 0.39 -1.13
C ARG C 107 32.95 0.43 -0.01
N ASP C 108 31.95 -0.44 -0.08
CA ASP C 108 31.08 -0.72 1.08
C ASP C 108 31.95 -1.17 2.26
N GLU C 109 32.05 -0.30 3.25
CA GLU C 109 32.89 -0.53 4.41
C GLU C 109 32.38 -1.73 5.20
N ASN C 110 31.13 -1.65 5.65
CA ASN C 110 30.48 -2.73 6.38
C ASN C 110 28.98 -2.53 6.41
N PHE C 111 28.27 -3.44 7.08
CA PHE C 111 26.83 -3.34 7.22
C PHE C 111 26.46 -3.64 8.67
N VAL C 112 27.28 -3.11 9.57
CA VAL C 112 27.07 -3.22 11.02
C VAL C 112 25.72 -2.62 11.44
N TYR C 113 25.36 -1.47 10.86
CA TYR C 113 24.13 -0.79 11.24
C TYR C 113 23.02 -1.06 10.23
N THR C 114 21.82 -1.31 10.72
CA THR C 114 20.65 -1.62 9.88
C THR C 114 19.77 -0.37 9.69
N HIS C 115 18.85 -0.44 8.73
CA HIS C 115 17.93 0.67 8.48
C HIS C 115 16.67 0.44 9.33
N ASP C 116 16.85 0.45 10.64
CA ASP C 116 15.82 -0.06 11.58
C ASP C 116 14.94 1.05 12.17
N ALA C 117 15.22 2.30 11.79
CA ALA C 117 14.51 3.45 12.34
C ALA C 117 14.47 4.57 11.31
N PRO C 118 13.50 5.50 11.43
CA PRO C 118 13.56 6.73 10.66
C PRO C 118 14.75 7.58 11.12
N PHE C 119 15.19 8.47 10.25
CA PHE C 119 16.21 9.51 10.56
C PHE C 119 17.64 8.95 10.59
N LEU C 120 17.82 7.80 9.96
CA LEU C 120 19.13 7.24 9.70
C LEU C 120 19.73 7.80 8.41
N LEU C 121 21.03 8.08 8.48
CA LEU C 121 21.86 8.49 7.34
C LEU C 121 22.50 7.26 6.76
N SER C 122 22.34 7.09 5.46
CA SER C 122 22.86 5.93 4.76
C SER C 122 23.36 6.33 3.35
N MET C 123 24.24 5.51 2.76
CA MET C 123 24.79 5.80 1.44
C MET C 123 23.92 5.34 0.28
N ALA C 124 23.69 6.26 -0.66
CA ALA C 124 23.13 5.90 -1.93
C ALA C 124 24.23 5.26 -2.79
N ASN C 125 23.86 4.46 -3.77
CA ASN C 125 24.86 3.88 -4.68
C ASN C 125 24.31 3.37 -6.01
N ALA C 126 25.19 2.82 -6.84
CA ALA C 126 24.77 2.24 -8.10
C ALA C 126 25.19 0.77 -8.14
N GLY C 127 25.01 0.08 -7.01
CA GLY C 127 25.43 -1.32 -6.86
C GLY C 127 26.56 -1.45 -5.85
N PRO C 128 27.08 -2.68 -5.66
CA PRO C 128 28.13 -2.94 -4.66
C PRO C 128 29.35 -2.04 -4.87
N ASN C 129 29.89 -1.53 -3.76
CA ASN C 129 31.11 -0.74 -3.75
C ASN C 129 31.14 0.43 -4.74
N THR C 130 30.12 1.28 -4.71
CA THR C 130 30.06 2.44 -5.60
C THR C 130 29.66 3.70 -4.82
N ASN C 131 30.17 3.80 -3.59
CA ASN C 131 29.92 4.94 -2.73
C ASN C 131 30.66 6.19 -3.16
N GLY C 132 29.94 7.31 -3.21
CA GLY C 132 30.53 8.57 -3.59
C GLY C 132 30.21 9.62 -2.56
N SER C 133 29.25 10.47 -2.89
CA SER C 133 28.84 11.52 -1.95
C SER C 133 27.33 11.52 -1.71
N GLN C 134 26.60 10.78 -2.53
CA GLN C 134 25.14 10.76 -2.43
C GLN C 134 24.73 9.95 -1.23
N PHE C 135 23.73 10.45 -0.53
CA PHE C 135 23.30 9.83 0.71
C PHE C 135 21.79 9.95 0.79
N PHE C 136 21.21 9.33 1.81
CA PHE C 136 19.82 9.55 2.13
C PHE C 136 19.60 9.62 3.61
N ILE C 137 18.53 10.29 3.99
CA ILE C 137 18.05 10.22 5.35
C ILE C 137 16.68 9.53 5.27
N THR C 138 16.53 8.46 6.05
CA THR C 138 15.29 7.69 6.00
C THR C 138 14.19 8.43 6.78
N THR C 139 12.94 8.20 6.41
CA THR C 139 11.83 8.70 7.24
C THR C 139 10.98 7.56 7.79
N VAL C 140 11.35 6.32 7.42
CA VAL C 140 10.72 5.09 7.89
C VAL C 140 11.84 4.06 8.05
N PRO C 141 11.59 2.94 8.77
CA PRO C 141 12.55 1.86 8.68
C PRO C 141 12.59 1.34 7.25
N CYS C 142 13.79 1.07 6.74
CA CYS C 142 13.98 0.54 5.39
C CYS C 142 14.75 -0.80 5.41
N PRO C 143 14.26 -1.78 6.17
CA PRO C 143 15.01 -3.03 6.34
C PRO C 143 15.33 -3.77 5.02
N TRP C 144 14.58 -3.51 3.95
CA TRP C 144 14.84 -4.08 2.64
C TRP C 144 16.15 -3.57 2.03
N LEU C 145 16.71 -2.52 2.65
CA LEU C 145 17.95 -1.95 2.15
C LEU C 145 19.15 -2.50 2.89
N ASP C 146 18.88 -3.33 3.89
CA ASP C 146 19.92 -3.88 4.75
C ASP C 146 20.85 -4.76 3.95
N GLY C 147 22.15 -4.53 4.15
CA GLY C 147 23.21 -5.28 3.48
C GLY C 147 23.52 -4.80 2.08
N LYS C 148 23.03 -3.61 1.72
CA LYS C 148 23.20 -3.09 0.38
C LYS C 148 23.54 -1.60 0.35
N HIS C 149 23.28 -0.93 1.47
CA HIS C 149 23.58 0.49 1.64
C HIS C 149 24.18 0.65 3.00
N VAL C 150 25.29 1.38 3.05
CA VAL C 150 25.99 1.59 4.32
C VAL C 150 25.34 2.66 5.20
N VAL C 151 24.73 2.23 6.30
CA VAL C 151 24.21 3.15 7.32
C VAL C 151 25.42 3.67 8.10
N PHE C 152 25.52 5.00 8.26
CA PHE C 152 26.71 5.61 8.83
C PHE C 152 26.43 6.78 9.78
N GLY C 153 25.16 7.03 10.06
CA GLY C 153 24.82 8.16 10.95
C GLY C 153 23.34 8.28 11.25
N LYS C 154 22.99 9.30 12.02
CA LYS C 154 21.58 9.55 12.36
C LYS C 154 21.32 11.03 12.69
N VAL C 155 20.08 11.45 12.47
CA VAL C 155 19.65 12.79 12.88
C VAL C 155 19.50 12.87 14.40
N LEU C 156 20.05 13.93 14.98
CA LEU C 156 19.99 14.17 16.43
C LEU C 156 18.95 15.25 16.81
N GLU C 157 18.93 16.31 16.03
CA GLU C 157 17.94 17.38 16.14
C GLU C 157 17.58 17.83 14.71
N GLY C 158 16.40 18.44 14.58
CA GLY C 158 15.93 18.85 13.26
C GLY C 158 15.22 17.72 12.54
N MET C 159 14.72 16.73 13.28
CA MET C 159 13.84 15.74 12.70
C MET C 159 12.65 16.42 11.97
N GLU C 160 12.14 17.50 12.55
CA GLU C 160 10.98 18.18 11.95
C GLU C 160 11.40 18.83 10.64
N VAL C 161 12.67 19.17 10.51
CA VAL C 161 13.17 19.75 9.26
C VAL C 161 13.24 18.66 8.20
N VAL C 162 13.65 17.46 8.59
CA VAL C 162 13.61 16.31 7.66
C VAL C 162 12.18 16.04 7.18
N LYS C 163 11.21 16.14 8.10
CA LYS C 163 9.79 15.99 7.77
C LYS C 163 9.33 17.11 6.82
N SER C 164 9.86 18.32 7.00
CA SER C 164 9.57 19.41 6.06
C SER C 164 10.10 19.09 4.65
N ILE C 165 11.33 18.59 4.58
CA ILE C 165 11.93 18.21 3.29
C ILE C 165 11.08 17.10 2.68
N GLU C 166 10.65 16.14 3.50
CA GLU C 166 9.84 14.99 3.03
C GLU C 166 8.54 15.42 2.31
N LYS C 167 7.90 16.47 2.81
CA LYS C 167 6.72 17.07 2.20
C LYS C 167 6.93 17.60 0.78
N CYS C 168 8.19 17.86 0.41
CA CYS C 168 8.56 18.42 -0.88
C CYS C 168 8.64 17.35 -1.97
N GLY C 169 8.24 16.13 -1.64
CA GLY C 169 8.45 15.03 -2.56
C GLY C 169 7.22 14.59 -3.34
N SER C 170 7.40 13.52 -4.09
CA SER C 170 6.30 12.96 -4.85
C SER C 170 6.53 11.46 -4.95
N GLN C 171 5.51 10.74 -5.42
CA GLN C 171 5.64 9.29 -5.49
C GLN C 171 6.74 8.88 -6.45
N ASN C 172 6.98 9.69 -7.48
CA ASN C 172 8.08 9.45 -8.41
C ASN C 172 9.41 10.08 -7.99
N GLY C 173 9.43 10.76 -6.84
CA GLY C 173 10.68 11.31 -6.32
C GLY C 173 11.05 12.73 -6.71
N LYS C 174 10.42 13.27 -7.75
CA LYS C 174 10.64 14.68 -8.13
C LYS C 174 10.23 15.64 -7.01
N PRO C 175 11.17 16.49 -6.54
CA PRO C 175 10.79 17.54 -5.59
C PRO C 175 9.88 18.60 -6.22
N THR C 176 8.89 19.06 -5.47
CA THR C 176 7.92 20.05 -5.94
C THR C 176 8.34 21.45 -5.52
N LYS C 177 9.33 21.49 -4.64
CA LYS C 177 10.04 22.71 -4.22
C LYS C 177 11.54 22.43 -4.14
N SER C 178 12.34 23.47 -4.40
CA SER C 178 13.80 23.35 -4.33
C SER C 178 14.22 23.23 -2.86
N VAL C 179 14.99 22.19 -2.56
CA VAL C 179 15.48 21.93 -1.20
C VAL C 179 17.00 22.00 -1.21
N CYS C 180 17.54 23.04 -0.58
CA CYS C 180 18.94 23.42 -0.71
C CYS C 180 19.63 23.41 0.63
N ILE C 181 20.84 22.88 0.66
CA ILE C 181 21.68 22.97 1.85
C ILE C 181 22.37 24.34 1.83
N THR C 182 21.95 25.25 2.70
CA THR C 182 22.48 26.64 2.71
C THR C 182 23.66 26.89 3.66
N ALA C 183 23.88 25.98 4.59
CA ALA C 183 25.10 25.99 5.41
C ALA C 183 25.34 24.58 5.91
N SER C 184 26.61 24.22 6.11
CA SER C 184 26.99 22.94 6.72
C SER C 184 28.31 23.06 7.51
N GLY C 185 28.62 22.03 8.32
CA GLY C 185 29.84 22.03 9.14
C GLY C 185 29.64 21.28 10.43
N VAL C 186 30.47 21.59 11.44
CA VAL C 186 30.42 20.93 12.76
C VAL C 186 29.83 21.83 13.88
N DAL D 1 -41.96 5.44 9.54
CA DAL D 1 -41.94 4.31 8.63
CB DAL D 1 -42.60 3.13 9.26
C DAL D 1 -40.51 3.95 8.17
O DAL D 1 -39.57 3.94 8.99
N MLE D 2 -40.35 3.64 6.89
CN MLE D 2 -41.44 3.56 5.90
CA MLE D 2 -39.01 3.27 6.40
CB MLE D 2 -38.91 1.81 5.94
CG MLE D 2 -39.16 0.76 7.06
CD1 MLE D 2 -39.13 -0.64 6.50
CD2 MLE D 2 -38.15 0.88 8.21
C MLE D 2 -38.59 4.19 5.25
O MLE D 2 -38.64 3.79 4.09
N MLE D 3 -38.20 5.42 5.57
CN MLE D 3 -38.22 5.91 6.95
CA MLE D 3 -37.75 6.35 4.48
CB MLE D 3 -38.51 7.71 4.52
CG MLE D 3 -40.03 7.66 4.36
CD1 MLE D 3 -40.55 9.10 4.17
CD2 MLE D 3 -40.49 6.77 3.20
C MLE D 3 -36.24 6.53 4.46
O MLE D 3 -35.57 6.15 5.44
N MVA D 4 -35.67 7.12 3.40
CN MVA D 4 -36.40 7.42 2.18
CA MVA D 4 -34.25 7.51 3.45
CB MVA D 4 -33.29 6.68 2.61
CG1 MVA D 4 -31.86 6.94 3.03
CG2 MVA D 4 -33.60 5.19 2.69
C MVA D 4 -34.12 9.00 3.10
O MVA D 4 -33.74 9.42 2.00
N BMT D 5 -34.44 9.93 4.43
CN BMT D 5 -34.67 9.46 5.79
CA BMT D 5 -34.31 11.33 4.04
C BMT D 5 -33.07 11.95 4.64
O BMT D 5 -32.31 11.28 5.37
CB BMT D 5 -35.58 12.11 4.42
OG1 BMT D 5 -35.60 12.22 5.83
CG2 BMT D 5 -36.89 11.45 3.90
CD1 BMT D 5 -36.85 11.18 2.40
CD2 BMT D 5 -38.18 12.26 4.26
CE BMT D 5 -38.19 13.59 3.52
CZ BMT D 5 -38.21 14.82 4.32
CH BMT D 5 -38.30 16.16 3.64
N ABA D 6 -32.88 13.23 4.33
CA ABA D 6 -31.70 13.98 4.66
C ABA D 6 -32.09 15.19 5.47
O ABA D 6 -32.14 16.28 4.92
CB ABA D 6 -30.97 14.41 3.40
CG ABA D 6 -30.58 13.20 2.55
N SAR D 7 -32.34 15.01 6.76
CA SAR D 7 -32.62 16.20 7.60
C SAR D 7 -33.83 15.97 8.49
O SAR D 7 -33.69 16.01 9.72
CN SAR D 7 -32.27 13.73 7.48
N MLE D 8 -35.01 15.75 7.90
CN MLE D 8 -35.24 15.89 6.47
CA MLE D 8 -36.16 15.41 8.75
CB MLE D 8 -37.37 16.35 8.60
CG MLE D 8 -37.06 17.85 8.79
CD1 MLE D 8 -38.30 18.70 8.57
CD2 MLE D 8 -36.40 18.25 10.10
C MLE D 8 -36.54 13.99 8.42
O MLE D 8 -37.21 13.76 7.43
N VAL D 9 -36.04 13.06 9.23
CA VAL D 9 -36.40 11.64 9.12
C VAL D 9 -37.87 11.46 9.50
N MLE D 10 -38.66 10.79 8.66
CN MLE D 10 -38.22 10.05 7.46
CA MLE D 10 -40.09 10.74 8.99
CB MLE D 10 -41.01 11.27 7.88
CG MLE D 10 -40.58 12.67 7.39
CD1 MLE D 10 -41.46 13.11 6.24
CD2 MLE D 10 -40.44 13.71 8.50
C MLE D 10 -40.41 9.38 9.51
O MLE D 10 -39.49 8.63 9.88
N ALA D 11 -41.68 9.03 9.56
CA ALA D 11 -42.06 7.78 10.16
C ALA D 11 -41.93 6.69 9.10
N DAL E 1 13.96 -3.83 -9.30
CA DAL E 1 14.08 -4.00 -7.82
CB DAL E 1 15.50 -4.36 -7.39
C DAL E 1 13.10 -4.96 -7.11
O DAL E 1 13.37 -6.18 -7.06
N MLE E 2 12.05 -4.40 -6.47
CN MLE E 2 11.61 -3.02 -6.59
CA MLE E 2 11.25 -5.23 -5.54
CB MLE E 2 11.61 -4.91 -4.06
CG MLE E 2 13.10 -4.75 -3.71
CD1 MLE E 2 13.34 -4.05 -2.37
CD2 MLE E 2 13.88 -6.07 -3.69
C MLE E 2 9.75 -5.30 -5.81
O MLE E 2 8.94 -4.95 -4.94
N MLE E 3 9.33 -5.80 -6.98
CN MLE E 3 10.20 -6.20 -8.12
CA MLE E 3 7.88 -6.00 -7.22
CB MLE E 3 7.46 -5.32 -8.52
CG MLE E 3 7.68 -3.79 -8.59
CD1 MLE E 3 7.10 -3.23 -9.87
CD2 MLE E 3 7.08 -3.13 -7.35
C MLE E 3 7.50 -7.47 -7.15
O MLE E 3 8.40 -8.32 -7.22
N MVA E 4 6.20 -7.80 -7.02
CN MVA E 4 5.12 -6.82 -6.77
CA MVA E 4 5.75 -9.21 -7.13
CB MVA E 4 5.32 -9.87 -5.82
CG1 MVA E 4 5.35 -11.39 -5.93
CG2 MVA E 4 6.20 -9.36 -4.67
C MVA E 4 4.69 -9.32 -8.21
O MVA E 4 3.51 -9.54 -7.96
N BMT E 5 5.46 -9.30 -9.79
CN BMT E 5 6.90 -9.31 -10.05
CA BMT E 5 4.35 -9.42 -10.77
C BMT E 5 4.29 -10.80 -11.39
O BMT E 5 5.16 -11.65 -11.13
CB BMT E 5 4.39 -8.27 -11.78
OG1 BMT E 5 5.57 -8.42 -12.49
CG2 BMT E 5 4.46 -6.88 -11.08
CD1 BMT E 5 3.28 -6.63 -10.15
CD2 BMT E 5 4.64 -5.74 -12.10
CE BMT E 5 3.47 -5.74 -13.06
CZ BMT E 5 3.70 -5.85 -14.51
CH BMT E 5 2.52 -6.01 -15.44
N ABA E 6 3.26 -11.03 -12.20
CA ABA E 6 2.97 -12.33 -12.80
C ABA E 6 2.98 -12.20 -14.33
O ABA E 6 1.93 -11.96 -14.92
CB ABA E 6 1.59 -12.81 -12.36
CG ABA E 6 1.50 -13.04 -10.86
N SAR E 7 4.15 -12.32 -14.96
CA SAR E 7 4.16 -12.23 -16.42
C SAR E 7 5.26 -11.32 -16.91
O SAR E 7 6.14 -11.79 -17.63
CN SAR E 7 5.46 -12.49 -14.32
N MLE E 8 5.21 -10.04 -16.53
CN MLE E 8 4.08 -9.48 -15.80
CA MLE E 8 6.31 -9.14 -16.88
CB MLE E 8 5.82 -8.06 -17.87
CG MLE E 8 6.23 -8.11 -19.35
CD1 MLE E 8 6.83 -9.43 -19.89
CD2 MLE E 8 5.05 -7.67 -20.22
C MLE E 8 6.95 -8.58 -15.64
O MLE E 8 6.51 -7.55 -15.10
N VAL E 9 7.98 -9.27 -15.16
CA VAL E 9 8.69 -8.90 -13.92
C VAL E 9 9.49 -7.62 -14.15
N MLE E 10 9.47 -6.69 -13.19
CN MLE E 10 8.62 -6.75 -12.01
CA MLE E 10 10.34 -5.51 -13.33
CB MLE E 10 9.58 -4.18 -13.19
CG MLE E 10 8.32 -3.99 -14.02
CD1 MLE E 10 7.87 -2.57 -13.78
CD2 MLE E 10 8.49 -4.27 -15.51
C MLE E 10 11.47 -5.33 -12.38
O MLE E 10 11.88 -6.24 -11.66
N ALA E 11 11.96 -4.07 -12.40
CA ALA E 11 12.80 -3.34 -11.41
C ALA E 11 12.80 -3.85 -9.97
N DAL F 1 9.61 0.51 -6.85
CA DAL F 1 9.39 0.41 -5.43
CB DAL F 1 7.96 0.69 -5.12
C DAL F 1 10.31 1.41 -4.69
O DAL F 1 10.38 2.58 -5.08
N MLE F 2 11.00 0.97 -3.64
CN MLE F 2 11.15 -0.46 -3.29
CA MLE F 2 11.68 1.96 -2.76
CB MLE F 2 11.05 2.04 -1.35
CG MLE F 2 9.55 2.33 -1.30
CD1 MLE F 2 9.06 2.30 0.14
CD2 MLE F 2 9.17 3.64 -2.02
C MLE F 2 13.18 1.81 -2.67
O MLE F 2 13.71 1.40 -1.62
N MLE F 3 13.91 2.13 -3.75
CN MLE F 3 13.32 2.67 -4.98
CA MLE F 3 15.38 1.97 -3.70
CB MLE F 3 15.95 1.13 -4.86
CG MLE F 3 15.40 -0.29 -5.00
CD1 MLE F 3 16.29 -1.06 -5.99
CD2 MLE F 3 15.29 -1.05 -3.68
C MLE F 3 16.09 3.31 -3.57
O MLE F 3 15.46 4.35 -3.81
N MVA F 4 17.38 3.32 -3.21
CN MVA F 4 18.12 2.13 -2.78
CA MVA F 4 18.17 4.54 -3.26
CB MVA F 4 18.54 5.20 -1.91
CG1 MVA F 4 18.93 6.65 -2.17
CG2 MVA F 4 17.41 5.14 -0.90
C MVA F 4 19.41 4.27 -4.09
O MVA F 4 20.52 4.68 -3.77
N BMT F 5 18.77 4.62 -5.88
CN BMT F 5 17.57 5.14 -6.53
CA BMT F 5 20.08 4.46 -6.53
C BMT F 5 20.69 5.74 -7.08
O BMT F 5 20.10 6.82 -6.95
CB BMT F 5 20.03 3.29 -7.54
OG1 BMT F 5 19.09 3.70 -8.51
CG2 BMT F 5 19.61 1.94 -6.95
CD1 BMT F 5 20.52 1.43 -5.82
CD2 BMT F 5 19.39 0.86 -8.02
CE BMT F 5 20.70 0.37 -8.62
CZ BMT F 5 21.05 0.76 -10.00
CH BMT F 5 22.40 0.41 -10.56
N ABA F 6 21.89 5.62 -7.66
CA ABA F 6 22.62 6.73 -8.28
C ABA F 6 22.84 6.51 -9.79
O ABA F 6 23.91 6.02 -10.21
CB ABA F 6 23.97 6.97 -7.58
CG ABA F 6 23.84 7.25 -6.09
N SAR F 7 21.83 6.85 -10.61
CA SAR F 7 21.98 6.72 -12.08
C SAR F 7 20.81 6.01 -12.72
O SAR F 7 20.07 6.62 -13.50
CN SAR F 7 20.55 7.37 -10.16
N MLE F 8 20.62 4.75 -12.38
CN MLE F 8 21.58 3.97 -11.58
CA MLE F 8 19.40 4.06 -12.80
CB MLE F 8 19.78 2.78 -13.54
CG MLE F 8 19.05 2.44 -14.84
CD1 MLE F 8 18.80 3.57 -15.84
CD2 MLE F 8 19.88 1.35 -15.52
C MLE F 8 18.48 3.83 -11.61
O MLE F 8 18.65 2.85 -10.86
N VAL F 9 17.53 4.73 -11.43
CA VAL F 9 16.54 4.61 -10.35
C VAL F 9 15.58 3.47 -10.70
N MLE F 10 15.29 2.56 -9.76
CN MLE F 10 15.87 2.57 -8.41
CA MLE F 10 14.35 1.48 -10.06
CB MLE F 10 14.98 0.09 -9.89
CG MLE F 10 16.39 -0.05 -10.52
CD1 MLE F 10 17.03 -1.39 -10.16
CD2 MLE F 10 16.34 0.18 -12.03
C MLE F 10 13.03 1.61 -9.33
O MLE F 10 12.80 2.59 -8.61
N ALA F 11 12.13 0.65 -9.53
CA ALA F 11 10.80 0.66 -8.93
C ALA F 11 10.80 0.38 -7.44
#